data_7F88
#
_entry.id   7F88
#
_cell.length_a   116.260
_cell.length_b   103.647
_cell.length_c   45.418
_cell.angle_alpha   90.000
_cell.angle_beta   95.069
_cell.angle_gamma   90.000
#
_symmetry.space_group_name_H-M   'C 1 2 1'
#
loop_
_entity.id
_entity.type
_entity.pdbx_description
1 polymer 'Chitinase A'
2 water water
#
_entity_poly.entity_id   1
_entity_poly.type   'polypeptide(L)'
_entity_poly.pdbx_seq_one_letter_code
;MHHHHHHQSWTSFVTPAVFEGWFPNRNPFYTYDGLVSASNGYPEFGTTGSLDDQKRELAAFLGNINQASGGLQFIQEQNP
QSDQYYGRGPIQLSWNYNYGEAGADLGLDLLNNPDLVAQDSTVAWRTALWFWMKRDCHGAITASPPSFSGTIRIINGGLE
CNQPAGSIGNMQMENRVTYYTQFCQTLGVDPGTDLRC
;
_entity_poly.pdbx_strand_id   A,B,C
#
# COMPACT_ATOMS: atom_id res chain seq x y z
N SER A 9 12.17 20.15 3.87
CA SER A 9 12.52 21.44 3.29
C SER A 9 11.29 22.31 3.02
N TRP A 10 10.10 21.70 2.98
CA TRP A 10 8.90 22.51 2.74
C TRP A 10 8.62 23.47 3.91
N THR A 11 9.21 23.22 5.08
CA THR A 11 8.96 24.15 6.18
C THR A 11 9.63 25.50 5.93
N SER A 12 10.50 25.58 4.91
CA SER A 12 11.07 26.86 4.48
C SER A 12 9.99 27.84 4.06
N PHE A 13 8.91 27.35 3.43
CA PHE A 13 7.87 28.24 2.92
C PHE A 13 6.53 28.10 3.62
N VAL A 14 6.15 26.92 4.14
CA VAL A 14 5.05 26.86 5.12
C VAL A 14 5.70 26.90 6.50
N THR A 15 5.92 28.12 6.98
CA THR A 15 6.50 28.40 8.29
C THR A 15 5.41 28.35 9.36
N PRO A 16 5.79 28.35 10.62
CA PRO A 16 4.76 28.47 11.66
C PRO A 16 3.86 29.68 11.43
N ALA A 17 4.40 30.82 11.00
CA ALA A 17 3.59 32.02 10.81
C ALA A 17 2.60 31.84 9.67
N VAL A 18 3.04 31.21 8.57
CA VAL A 18 2.13 30.95 7.45
C VAL A 18 1.00 30.01 7.89
N PHE A 19 1.36 28.94 8.61
CA PHE A 19 0.37 27.98 9.07
C PHE A 19 -0.66 28.64 9.98
N GLU A 20 -0.20 29.44 10.97
CA GLU A 20 -1.12 30.13 11.87
C GLU A 20 -2.01 31.12 11.11
N GLY A 21 -1.47 31.82 10.11
CA GLY A 21 -2.30 32.72 9.34
C GLY A 21 -3.37 32.00 8.54
N TRP A 22 -3.06 30.80 8.05
CA TRP A 22 -4.02 30.00 7.31
C TRP A 22 -5.05 29.39 8.23
N PHE A 23 -4.69 29.09 9.48
CA PHE A 23 -5.57 28.37 10.40
C PHE A 23 -5.74 29.11 11.72
N PRO A 24 -6.29 30.33 11.67
CA PRO A 24 -6.36 31.15 12.88
C PRO A 24 -7.39 30.67 13.88
N ASN A 25 -8.34 29.83 13.47
CA ASN A 25 -9.36 29.36 14.39
C ASN A 25 -9.18 27.88 14.71
N ARG A 26 -7.98 27.33 14.51
CA ARG A 26 -7.75 25.92 14.75
C ARG A 26 -7.99 25.55 16.21
N ASN A 27 -8.52 24.36 16.42
CA ASN A 27 -8.49 23.78 17.75
C ASN A 27 -7.03 23.55 18.15
N PRO A 28 -6.64 23.90 19.39
CA PRO A 28 -5.22 23.75 19.78
C PRO A 28 -4.73 22.32 19.79
N PHE A 29 -5.62 21.34 19.70
CA PHE A 29 -5.24 19.96 19.41
C PHE A 29 -4.28 19.88 18.23
N TYR A 30 -4.56 20.62 17.18
CA TYR A 30 -3.74 20.60 15.96
C TYR A 30 -2.60 21.60 16.06
N THR A 31 -1.37 21.11 15.95
CA THR A 31 -0.19 21.95 15.99
C THR A 31 0.64 21.80 14.72
N TYR A 32 1.36 22.88 14.41
CA TYR A 32 2.33 22.83 13.34
C TYR A 32 3.36 21.73 13.59
N ASP A 33 3.83 21.61 14.83
CA ASP A 33 4.86 20.61 15.11
C ASP A 33 4.37 19.20 14.86
N GLY A 34 3.08 18.95 15.07
CA GLY A 34 2.56 17.62 14.80
C GLY A 34 2.52 17.32 13.31
N LEU A 35 2.14 18.32 12.51
CA LEU A 35 2.16 18.16 11.06
C LEU A 35 3.58 17.92 10.57
N VAL A 36 4.55 18.68 11.10
CA VAL A 36 5.94 18.44 10.71
C VAL A 36 6.35 17.02 11.08
N SER A 37 6.05 16.60 12.32
CA SER A 37 6.45 15.27 12.76
C SER A 37 5.79 14.19 11.91
N ALA A 38 4.50 14.33 11.64
CA ALA A 38 3.82 13.36 10.78
C ALA A 38 4.45 13.32 9.39
N SER A 39 4.85 14.48 8.86
CA SER A 39 5.37 14.49 7.50
C SER A 39 6.75 13.82 7.39
N ASN A 40 7.47 13.65 8.50
CA ASN A 40 8.79 13.02 8.38
C ASN A 40 8.68 11.54 8.02
N GLY A 41 7.50 10.94 8.19
CA GLY A 41 7.29 9.55 7.80
C GLY A 41 7.09 9.39 6.31
N TYR A 42 6.80 10.49 5.63
CA TYR A 42 6.64 10.52 4.18
C TYR A 42 7.55 11.59 3.60
N PRO A 43 8.84 11.31 3.51
CA PRO A 43 9.77 12.38 3.09
C PRO A 43 9.51 12.92 1.69
N GLU A 44 8.80 12.19 0.83
CA GLU A 44 8.48 12.69 -0.50
C GLU A 44 7.43 13.79 -0.47
N PHE A 45 6.65 13.87 0.61
CA PHE A 45 5.62 14.88 0.71
C PHE A 45 6.27 16.26 0.78
N GLY A 46 5.88 17.14 -0.15
CA GLY A 46 6.46 18.48 -0.11
C GLY A 46 7.88 18.57 -0.60
N THR A 47 8.44 17.47 -1.10
CA THR A 47 9.81 17.51 -1.63
C THR A 47 9.89 16.96 -3.05
N THR A 48 8.76 16.85 -3.73
CA THR A 48 8.68 16.23 -5.04
C THR A 48 8.45 17.30 -6.08
N GLY A 49 9.29 17.30 -7.11
CA GLY A 49 9.15 18.25 -8.18
C GLY A 49 9.90 19.53 -7.90
N SER A 50 9.55 20.54 -8.71
CA SER A 50 10.22 21.86 -8.60
C SER A 50 9.80 22.53 -7.28
N LEU A 51 10.47 23.64 -6.95
CA LEU A 51 10.06 24.40 -5.77
C LEU A 51 8.59 24.76 -5.88
N ASP A 52 8.15 25.15 -7.08
CA ASP A 52 6.75 25.54 -7.22
C ASP A 52 5.80 24.35 -7.09
N ASP A 53 6.22 23.15 -7.56
CA ASP A 53 5.44 21.93 -7.32
C ASP A 53 5.28 21.67 -5.84
N GLN A 54 6.35 21.88 -5.07
CA GLN A 54 6.30 21.61 -3.65
C GLN A 54 5.36 22.57 -2.95
N LYS A 55 5.39 23.84 -3.37
CA LYS A 55 4.47 24.83 -2.81
C LYS A 55 3.03 24.46 -3.13
N ARG A 56 2.75 24.10 -4.38
CA ARG A 56 1.39 23.66 -4.74
C ARG A 56 0.98 22.46 -3.91
N GLU A 57 1.90 21.55 -3.65
CA GLU A 57 1.48 20.38 -2.87
C GLU A 57 1.06 20.79 -1.47
N LEU A 58 1.85 21.63 -0.80
CA LEU A 58 1.45 22.04 0.54
C LEU A 58 0.16 22.82 0.53
N ALA A 59 -0.01 23.72 -0.43
CA ALA A 59 -1.26 24.48 -0.52
C ALA A 59 -2.45 23.57 -0.78
N ALA A 60 -2.24 22.52 -1.60
CA ALA A 60 -3.33 21.60 -1.95
C ALA A 60 -3.70 20.73 -0.76
N PHE A 61 -2.69 20.20 -0.07
CA PHE A 61 -2.94 19.40 1.12
C PHE A 61 -3.66 20.24 2.16
N LEU A 62 -3.10 21.42 2.47
CA LEU A 62 -3.71 22.17 3.55
C LEU A 62 -5.00 22.83 3.12
N GLY A 63 -5.15 23.19 1.83
CA GLY A 63 -6.43 23.71 1.38
C GLY A 63 -7.55 22.67 1.46
N ASN A 64 -7.23 21.44 1.07
CA ASN A 64 -8.22 20.35 1.23
C ASN A 64 -8.53 20.10 2.70
N ILE A 65 -7.51 20.13 3.56
CA ILE A 65 -7.75 19.96 4.98
C ILE A 65 -8.61 21.10 5.52
N ASN A 66 -8.40 22.32 5.03
CA ASN A 66 -9.22 23.44 5.53
C ASN A 66 -10.71 23.14 5.31
N GLN A 67 -11.06 22.62 4.13
CA GLN A 67 -12.45 22.26 3.86
C GLN A 67 -12.87 21.05 4.71
N ALA A 68 -12.07 19.98 4.73
CA ALA A 68 -12.48 18.74 5.40
C ALA A 68 -12.64 18.93 6.90
N SER A 69 -11.83 19.82 7.51
CA SER A 69 -11.74 19.93 8.96
C SER A 69 -12.35 21.22 9.47
N GLY A 70 -12.94 22.03 8.61
CA GLY A 70 -13.49 23.29 9.06
C GLY A 70 -12.43 24.15 9.70
N GLY A 71 -11.29 24.29 9.03
CA GLY A 71 -10.27 25.16 9.57
C GLY A 71 -9.58 24.56 10.78
N LEU A 72 -9.42 23.23 10.79
CA LEU A 72 -8.76 22.48 11.88
C LEU A 72 -9.53 22.59 13.20
N GLN A 73 -10.86 22.68 13.08
CA GLN A 73 -11.72 22.61 14.24
C GLN A 73 -12.28 21.21 14.43
N PHE A 74 -12.35 20.40 13.37
CA PHE A 74 -12.93 19.06 13.47
C PHE A 74 -11.90 18.09 14.02
N ILE A 75 -12.27 17.37 15.08
CA ILE A 75 -11.50 16.26 15.60
C ILE A 75 -12.23 14.94 15.42
N GLN A 76 -13.55 14.93 15.67
CA GLN A 76 -14.32 13.69 15.54
C GLN A 76 -15.81 14.01 15.34
N GLU A 77 -16.48 13.10 14.62
CA GLU A 77 -17.92 13.20 14.38
C GLU A 77 -18.69 13.26 15.69
N GLN A 78 -19.60 14.24 15.81
N GLN A 78 -19.60 14.24 15.81
CA GLN A 78 -20.24 14.56 17.09
CA GLN A 78 -20.24 14.56 17.09
C GLN A 78 -21.30 13.55 17.49
C GLN A 78 -21.30 13.55 17.49
N ASN A 79 -22.20 13.19 16.58
CA ASN A 79 -23.30 12.28 16.90
C ASN A 79 -23.30 11.12 15.92
N PRO A 80 -22.21 10.34 15.89
CA PRO A 80 -22.12 9.27 14.90
C PRO A 80 -23.27 8.29 15.05
N GLN A 81 -23.73 7.79 13.92
CA GLN A 81 -24.83 6.85 13.84
C GLN A 81 -24.48 5.76 12.82
N SER A 82 -23.31 5.15 13.00
CA SER A 82 -22.90 4.04 12.17
C SER A 82 -22.24 2.98 13.03
N ASP A 83 -20.92 2.89 12.96
CA ASP A 83 -20.16 1.96 13.78
C ASP A 83 -19.04 2.77 14.45
N GLN A 84 -17.97 2.08 14.87
CA GLN A 84 -16.90 2.73 15.60
C GLN A 84 -15.94 3.47 14.68
N TYR A 85 -16.13 3.35 13.37
CA TYR A 85 -15.20 3.94 12.42
C TYR A 85 -15.73 5.23 11.84
N TYR A 86 -16.39 6.03 12.67
CA TYR A 86 -16.87 7.33 12.24
C TYR A 86 -15.70 8.30 12.03
N GLY A 87 -16.03 9.45 11.44
CA GLY A 87 -14.99 10.38 10.98
C GLY A 87 -14.14 10.93 12.10
N ARG A 88 -12.82 10.85 11.94
CA ARG A 88 -11.92 11.40 12.93
C ARG A 88 -10.73 12.05 12.25
N GLY A 89 -10.16 13.06 12.91
CA GLY A 89 -8.97 13.71 12.40
C GLY A 89 -9.26 14.66 11.25
N PRO A 90 -8.23 15.32 10.71
CA PRO A 90 -8.46 16.48 9.83
C PRO A 90 -8.94 16.15 8.43
N ILE A 91 -8.96 14.89 8.00
CA ILE A 91 -9.64 14.52 6.75
C ILE A 91 -10.88 13.69 7.02
N GLN A 92 -11.34 13.63 8.27
CA GLN A 92 -12.55 12.87 8.62
C GLN A 92 -12.44 11.42 8.16
N LEU A 93 -11.31 10.79 8.51
CA LEU A 93 -11.09 9.38 8.17
C LEU A 93 -12.23 8.54 8.67
N SER A 94 -12.83 7.78 7.77
CA SER A 94 -14.02 6.99 8.09
CA SER A 94 -13.98 6.98 8.15
C SER A 94 -13.94 5.62 7.45
N TRP A 95 -14.67 4.68 8.05
CA TRP A 95 -14.97 3.34 7.54
C TRP A 95 -13.93 2.29 7.91
N ASN A 96 -14.45 1.09 8.20
CA ASN A 96 -13.61 0.02 8.69
CA ASN A 96 -13.64 -0.01 8.69
C ASN A 96 -12.41 -0.24 7.80
N TYR A 97 -12.62 -0.32 6.47
CA TYR A 97 -11.48 -0.70 5.64
C TYR A 97 -10.40 0.37 5.64
N ASN A 98 -10.78 1.63 5.73
CA ASN A 98 -9.76 2.69 5.79
C ASN A 98 -8.98 2.63 7.10
N TYR A 99 -9.66 2.36 8.23
CA TYR A 99 -8.92 2.23 9.50
C TYR A 99 -8.02 1.00 9.49
N GLY A 100 -8.49 -0.11 8.91
CA GLY A 100 -7.63 -1.28 8.83
C GLY A 100 -6.42 -1.05 7.95
N GLU A 101 -6.65 -0.47 6.77
CA GLU A 101 -5.54 -0.24 5.84
C GLU A 101 -4.56 0.80 6.37
N ALA A 102 -5.09 1.93 6.84
CA ALA A 102 -4.24 2.97 7.42
C ALA A 102 -3.50 2.45 8.65
N GLY A 103 -4.18 1.69 9.49
CA GLY A 103 -3.50 1.17 10.66
C GLY A 103 -2.34 0.27 10.29
N ALA A 104 -2.55 -0.62 9.31
CA ALA A 104 -1.45 -1.48 8.88
C ALA A 104 -0.28 -0.64 8.35
N ASP A 105 -0.58 0.30 7.45
CA ASP A 105 0.51 1.05 6.81
C ASP A 105 1.25 1.93 7.80
N LEU A 106 0.53 2.51 8.76
CA LEU A 106 1.11 3.40 9.77
C LEU A 106 1.67 2.65 10.98
N GLY A 107 1.43 1.34 11.08
CA GLY A 107 1.88 0.60 12.25
C GLY A 107 1.15 1.01 13.50
N LEU A 108 -0.17 1.21 13.38
CA LEU A 108 -1.03 1.67 14.47
C LEU A 108 -2.24 0.76 14.61
N ASP A 109 -2.71 0.59 15.85
CA ASP A 109 -3.86 -0.31 16.08
C ASP A 109 -5.17 0.45 15.88
N LEU A 110 -5.34 1.00 14.69
CA LEU A 110 -6.55 1.75 14.39
C LEU A 110 -7.76 0.84 14.19
N LEU A 111 -7.54 -0.42 13.82
CA LEU A 111 -8.69 -1.32 13.68
C LEU A 111 -9.33 -1.57 15.04
N ASN A 112 -8.51 -1.80 16.05
CA ASN A 112 -9.07 -2.14 17.35
C ASN A 112 -9.18 -0.94 18.28
N ASN A 113 -8.53 0.17 17.96
CA ASN A 113 -8.56 1.37 18.80
C ASN A 113 -8.67 2.59 17.90
N PRO A 114 -9.77 2.69 17.14
CA PRO A 114 -9.93 3.84 16.23
C PRO A 114 -9.95 5.18 16.95
N ASP A 115 -10.33 5.22 18.25
CA ASP A 115 -10.28 6.45 19.04
C ASP A 115 -8.90 7.09 19.03
N LEU A 116 -7.84 6.33 18.76
CA LEU A 116 -6.49 6.93 18.73
CA LEU A 116 -6.52 6.95 18.77
C LEU A 116 -6.43 8.12 17.80
N VAL A 117 -7.18 8.08 16.70
CA VAL A 117 -7.12 9.19 15.73
C VAL A 117 -7.61 10.48 16.37
N ALA A 118 -8.58 10.41 17.28
CA ALA A 118 -9.09 11.59 17.96
C ALA A 118 -8.33 11.93 19.25
N GLN A 119 -7.52 11.02 19.78
CA GLN A 119 -6.79 11.22 21.02
C GLN A 119 -5.40 11.80 20.82
N ASP A 120 -4.77 11.54 19.69
CA ASP A 120 -3.35 11.81 19.49
C ASP A 120 -3.22 12.61 18.20
N SER A 121 -2.79 13.88 18.30
CA SER A 121 -2.84 14.74 17.11
C SER A 121 -1.79 14.36 16.10
N THR A 122 -0.69 13.74 16.52
CA THR A 122 0.27 13.26 15.53
C THR A 122 -0.33 12.10 14.75
N VAL A 123 -1.04 11.20 15.42
CA VAL A 123 -1.74 10.15 14.70
C VAL A 123 -2.76 10.77 13.75
N ALA A 124 -3.52 11.75 14.23
CA ALA A 124 -4.48 12.45 13.38
C ALA A 124 -3.83 12.98 12.11
N TRP A 125 -2.74 13.70 12.26
CA TRP A 125 -2.07 14.21 11.06
C TRP A 125 -1.56 13.08 10.19
N ARG A 126 -1.04 12.01 10.80
CA ARG A 126 -0.55 10.88 10.01
C ARG A 126 -1.66 10.24 9.17
N THR A 127 -2.90 10.19 9.68
CA THR A 127 -3.95 9.58 8.86
C THR A 127 -4.27 10.44 7.65
N ALA A 128 -4.13 11.76 7.77
CA ALA A 128 -4.35 12.65 6.64
C ALA A 128 -3.26 12.50 5.60
N LEU A 129 -2.00 12.47 6.06
CA LEU A 129 -0.89 12.27 5.13
C LEU A 129 -0.92 10.87 4.51
N TRP A 130 -1.27 9.84 5.32
CA TRP A 130 -1.44 8.50 4.75
C TRP A 130 -2.41 8.53 3.59
N PHE A 131 -3.57 9.14 3.76
CA PHE A 131 -4.53 9.15 2.66
C PHE A 131 -3.96 9.89 1.46
N TRP A 132 -3.35 11.06 1.72
CA TRP A 132 -2.81 11.89 0.66
C TRP A 132 -1.80 11.13 -0.19
N MET A 133 -0.89 10.40 0.46
CA MET A 133 0.12 9.60 -0.25
C MET A 133 -0.42 8.30 -0.80
N LYS A 134 -1.08 7.50 0.03
CA LYS A 134 -1.47 6.17 -0.40
C LYS A 134 -2.54 6.23 -1.50
N ARG A 135 -3.51 7.14 -1.38
CA ARG A 135 -4.56 7.23 -2.39
C ARG A 135 -4.17 8.17 -3.52
N ASP A 136 -3.00 8.79 -3.41
CA ASP A 136 -2.27 9.41 -4.51
C ASP A 136 -2.75 10.84 -4.84
N CYS A 137 -3.36 11.57 -3.91
CA CYS A 137 -3.40 13.03 -4.08
C CYS A 137 -2.02 13.56 -4.37
N HIS A 138 -1.01 12.95 -3.75
CA HIS A 138 0.38 13.39 -3.91
C HIS A 138 0.80 13.31 -5.37
N GLY A 139 0.50 12.17 -6.03
CA GLY A 139 0.87 12.02 -7.44
C GLY A 139 0.11 12.98 -8.35
N ALA A 140 -1.17 13.24 -8.06
CA ALA A 140 -1.96 14.12 -8.91
C ALA A 140 -1.44 15.53 -8.87
N ILE A 141 -1.13 16.03 -7.66
CA ILE A 141 -0.74 17.44 -7.55
C ILE A 141 0.67 17.67 -7.98
N THR A 142 1.55 16.65 -7.89
CA THR A 142 2.96 16.84 -8.27
C THR A 142 3.26 16.32 -9.67
N ALA A 143 2.25 15.83 -10.38
CA ALA A 143 2.45 15.40 -11.75
C ALA A 143 2.82 16.60 -12.63
N SER A 144 3.50 16.30 -13.75
CA SER A 144 3.63 17.28 -14.84
C SER A 144 2.74 16.80 -15.97
N PRO A 145 1.60 17.45 -16.24
CA PRO A 145 1.10 18.67 -15.57
C PRO A 145 0.35 18.43 -14.28
N PRO A 146 0.28 19.41 -13.37
CA PRO A 146 -0.35 19.16 -12.07
C PRO A 146 -1.87 19.23 -12.14
N SER A 147 -2.51 18.54 -11.18
CA SER A 147 -3.97 18.52 -11.16
C SER A 147 -4.51 18.68 -9.73
N PHE A 148 -4.89 19.93 -9.37
CA PHE A 148 -5.60 20.08 -8.12
C PHE A 148 -6.96 19.41 -8.19
N SER A 149 -7.62 19.49 -9.33
CA SER A 149 -8.91 18.81 -9.47
C SER A 149 -8.78 17.32 -9.21
N GLY A 150 -7.65 16.71 -9.58
CA GLY A 150 -7.45 15.30 -9.32
C GLY A 150 -7.34 14.98 -7.85
N THR A 151 -6.86 15.93 -7.03
CA THR A 151 -6.88 15.69 -5.59
C THR A 151 -8.31 15.68 -5.06
N ILE A 152 -9.19 16.50 -5.63
CA ILE A 152 -10.58 16.53 -5.18
C ILE A 152 -11.27 15.23 -5.59
N ARG A 153 -10.97 14.72 -6.78
CA ARG A 153 -11.56 13.46 -7.22
C ARG A 153 -11.21 12.34 -6.24
N ILE A 154 -9.98 12.33 -5.76
CA ILE A 154 -9.50 11.27 -4.89
C ILE A 154 -10.09 11.40 -3.48
N ILE A 155 -10.21 12.62 -2.96
CA ILE A 155 -10.67 12.78 -1.57
C ILE A 155 -12.16 12.48 -1.43
N ASN A 156 -12.98 13.04 -2.31
CA ASN A 156 -14.40 13.03 -2.01
C ASN A 156 -15.14 13.21 -3.33
N GLY A 157 -14.60 12.54 -4.35
CA GLY A 157 -15.14 12.66 -5.69
C GLY A 157 -16.63 12.38 -5.74
N GLY A 158 -17.06 11.33 -5.02
CA GLY A 158 -18.42 10.81 -5.11
C GLY A 158 -19.48 11.74 -4.58
N LEU A 159 -19.10 12.76 -3.83
CA LEU A 159 -20.03 13.76 -3.33
C LEU A 159 -19.81 15.17 -3.89
N GLU A 160 -18.58 15.50 -4.30
CA GLU A 160 -18.29 16.89 -4.69
C GLU A 160 -17.94 17.08 -6.15
N CYS A 161 -17.39 16.07 -6.84
CA CYS A 161 -17.10 16.27 -8.25
C CYS A 161 -18.33 15.93 -9.09
N ASN A 162 -18.37 16.50 -10.31
CA ASN A 162 -19.40 16.12 -11.27
C ASN A 162 -20.80 16.42 -10.73
N GLN A 163 -20.89 17.56 -10.05
CA GLN A 163 -22.11 18.05 -9.45
C GLN A 163 -22.50 19.37 -10.12
N PRO A 164 -23.79 19.65 -10.22
CA PRO A 164 -24.22 20.88 -10.89
C PRO A 164 -23.87 22.12 -10.10
N ALA A 165 -23.63 23.21 -10.84
CA ALA A 165 -23.40 24.51 -10.21
C ALA A 165 -24.54 24.86 -9.28
N GLY A 166 -24.20 25.40 -8.11
CA GLY A 166 -25.21 25.74 -7.13
C GLY A 166 -25.59 24.61 -6.21
N SER A 167 -25.17 23.39 -6.50
CA SER A 167 -25.47 22.26 -5.64
C SER A 167 -24.54 22.25 -4.44
N ILE A 168 -24.89 21.43 -3.46
CA ILE A 168 -24.18 21.44 -2.19
C ILE A 168 -22.76 20.93 -2.41
N GLY A 169 -22.65 19.83 -3.14
CA GLY A 169 -21.34 19.25 -3.41
C GLY A 169 -20.49 20.15 -4.29
N ASN A 170 -21.09 20.76 -5.30
CA ASN A 170 -20.31 21.69 -6.13
C ASN A 170 -19.81 22.85 -5.29
N MET A 171 -20.61 23.32 -4.31
CA MET A 171 -20.14 24.42 -3.45
C MET A 171 -18.94 23.99 -2.62
N GLN A 172 -18.94 22.73 -2.17
CA GLN A 172 -17.80 22.25 -1.38
C GLN A 172 -16.56 22.14 -2.25
N MET A 173 -16.74 21.70 -3.50
CA MET A 173 -15.63 21.62 -4.42
C MET A 173 -15.05 23.01 -4.63
N GLU A 174 -15.93 24.00 -4.84
CA GLU A 174 -15.46 25.36 -5.04
C GLU A 174 -14.75 25.88 -3.80
N ASN A 175 -15.19 25.48 -2.61
CA ASN A 175 -14.46 25.91 -1.40
C ASN A 175 -13.04 25.39 -1.40
N ARG A 176 -12.85 24.12 -1.80
CA ARG A 176 -11.51 23.58 -1.89
C ARG A 176 -10.66 24.42 -2.84
N VAL A 177 -11.21 24.75 -4.02
CA VAL A 177 -10.48 25.59 -4.97
C VAL A 177 -10.16 26.94 -4.38
N THR A 178 -11.14 27.56 -3.70
CA THR A 178 -10.89 28.84 -3.04
C THR A 178 -9.72 28.75 -2.07
N TYR A 179 -9.74 27.76 -1.17
CA TYR A 179 -8.68 27.70 -0.16
C TYR A 179 -7.34 27.42 -0.81
N TYR A 180 -7.33 26.48 -1.75
CA TYR A 180 -6.10 26.16 -2.47
C TYR A 180 -5.55 27.41 -3.14
N THR A 181 -6.41 28.14 -3.87
CA THR A 181 -5.88 29.30 -4.59
C THR A 181 -5.48 30.41 -3.62
N GLN A 182 -6.15 30.54 -2.48
CA GLN A 182 -5.70 31.53 -1.50
C GLN A 182 -4.34 31.14 -0.93
N PHE A 183 -4.16 29.85 -0.63
CA PHE A 183 -2.90 29.40 -0.04
C PHE A 183 -1.79 29.53 -1.06
N CYS A 184 -2.07 29.21 -2.34
CA CYS A 184 -1.06 29.45 -3.37
C CYS A 184 -0.71 30.93 -3.42
N GLN A 185 -1.69 31.81 -3.24
CA GLN A 185 -1.37 33.25 -3.30
C GLN A 185 -0.41 33.63 -2.19
N THR A 186 -0.61 33.07 -0.99
CA THR A 186 0.30 33.37 0.11
C THR A 186 1.73 33.00 -0.28
N LEU A 187 1.89 31.86 -0.93
CA LEU A 187 3.18 31.32 -1.28
C LEU A 187 3.74 31.92 -2.56
N GLY A 188 2.95 32.73 -3.27
CA GLY A 188 3.45 33.34 -4.49
C GLY A 188 3.60 32.39 -5.67
N VAL A 189 2.79 31.32 -5.74
CA VAL A 189 2.90 30.28 -6.76
C VAL A 189 1.60 30.22 -7.57
N ASP A 190 1.75 29.93 -8.85
CA ASP A 190 0.59 29.70 -9.71
C ASP A 190 -0.12 28.40 -9.29
N PRO A 191 -1.42 28.44 -9.01
CA PRO A 191 -2.12 27.19 -8.64
C PRO A 191 -2.25 26.19 -9.79
N GLY A 192 -2.05 26.61 -11.04
CA GLY A 192 -2.27 25.74 -12.18
C GLY A 192 -3.69 25.86 -12.70
N THR A 193 -3.89 25.40 -13.94
CA THR A 193 -5.19 25.60 -14.59
C THR A 193 -6.21 24.53 -14.24
N ASP A 194 -5.77 23.34 -13.82
CA ASP A 194 -6.70 22.21 -13.66
C ASP A 194 -7.23 22.16 -12.24
N LEU A 195 -8.21 23.02 -11.96
CA LEU A 195 -8.67 23.26 -10.60
C LEU A 195 -9.97 22.55 -10.25
N ARG A 196 -10.94 22.56 -11.14
CA ARG A 196 -12.30 22.14 -10.78
C ARG A 196 -12.61 20.74 -11.28
N CYS A 197 -13.51 20.06 -10.57
CA CYS A 197 -13.99 18.75 -11.02
C CYS A 197 -15.49 18.71 -10.96
N GLN B 8 3.75 -14.46 -11.94
CA GLN B 8 3.25 -14.28 -10.58
C GLN B 8 2.22 -15.38 -10.26
N SER B 9 2.07 -15.69 -8.97
CA SER B 9 1.34 -16.89 -8.59
C SER B 9 -0.17 -16.79 -8.85
N TRP B 10 -0.72 -15.59 -9.08
CA TRP B 10 -2.16 -15.54 -9.32
C TRP B 10 -2.58 -16.28 -10.60
N THR B 11 -1.64 -16.58 -11.51
CA THR B 11 -2.01 -17.35 -12.68
C THR B 11 -2.39 -18.78 -12.35
N SER B 12 -2.10 -19.25 -11.13
CA SER B 12 -2.55 -20.59 -10.76
CA SER B 12 -2.56 -20.59 -10.77
C SER B 12 -4.07 -20.67 -10.70
N PHE B 13 -4.75 -19.57 -10.37
CA PHE B 13 -6.21 -19.61 -10.35
C PHE B 13 -6.88 -18.79 -11.44
N VAL B 14 -6.27 -17.69 -11.92
CA VAL B 14 -6.74 -17.06 -13.16
C VAL B 14 -5.84 -17.61 -14.26
N THR B 15 -6.21 -18.78 -14.78
CA THR B 15 -5.51 -19.47 -15.85
C THR B 15 -5.89 -18.87 -17.19
N PRO B 16 -5.19 -19.23 -18.26
CA PRO B 16 -5.65 -18.79 -19.59
C PRO B 16 -7.11 -19.15 -19.85
N ALA B 17 -7.54 -20.34 -19.43
CA ALA B 17 -8.92 -20.76 -19.64
C ALA B 17 -9.90 -19.89 -18.87
N VAL B 18 -9.57 -19.53 -17.62
CA VAL B 18 -10.46 -18.70 -16.84
C VAL B 18 -10.56 -17.31 -17.46
N PHE B 19 -9.42 -16.76 -17.88
CA PHE B 19 -9.39 -15.44 -18.51
C PHE B 19 -10.22 -15.43 -19.78
N GLU B 20 -10.05 -16.46 -20.62
CA GLU B 20 -10.80 -16.54 -21.87
C GLU B 20 -12.30 -16.66 -21.61
N GLY B 21 -12.67 -17.39 -20.55
CA GLY B 21 -14.09 -17.53 -20.25
C GLY B 21 -14.70 -16.25 -19.70
N TRP B 22 -13.88 -15.44 -19.02
CA TRP B 22 -14.32 -14.15 -18.51
C TRP B 22 -14.44 -13.08 -19.59
N PHE B 23 -13.64 -13.18 -20.65
CA PHE B 23 -13.59 -12.18 -21.73
C PHE B 23 -13.76 -12.85 -23.06
N PRO B 24 -14.93 -13.43 -23.29
CA PRO B 24 -15.16 -14.18 -24.54
C PRO B 24 -15.19 -13.30 -25.77
N ASN B 25 -15.37 -12.00 -25.62
CA ASN B 25 -15.49 -11.09 -26.75
C ASN B 25 -14.32 -10.12 -26.83
N ARG B 26 -13.23 -10.44 -26.15
CA ARG B 26 -12.08 -9.54 -26.14
CA ARG B 26 -12.10 -9.52 -26.14
C ARG B 26 -11.54 -9.33 -27.55
N ASN B 27 -11.09 -8.12 -27.80
CA ASN B 27 -10.22 -7.84 -28.93
C ASN B 27 -8.88 -8.53 -28.67
N PRO B 28 -8.35 -9.29 -29.63
CA PRO B 28 -7.09 -10.03 -29.41
C PRO B 28 -5.89 -9.13 -29.19
N PHE B 29 -6.00 -7.80 -29.38
CA PHE B 29 -4.99 -6.88 -28.86
C PHE B 29 -4.67 -7.21 -27.41
N TYR B 30 -5.70 -7.46 -26.61
CA TYR B 30 -5.52 -7.77 -25.19
C TYR B 30 -5.23 -9.26 -25.02
N THR B 31 -4.02 -9.57 -24.59
CA THR B 31 -3.61 -10.95 -24.38
C THR B 31 -3.39 -11.22 -22.90
N TYR B 32 -3.61 -12.48 -22.55
CA TYR B 32 -3.30 -12.98 -21.23
C TYR B 32 -1.81 -12.80 -20.92
N ASP B 33 -0.94 -13.18 -21.86
CA ASP B 33 0.50 -13.05 -21.61
C ASP B 33 0.92 -11.61 -21.37
N GLY B 34 0.27 -10.63 -22.03
CA GLY B 34 0.60 -9.24 -21.76
C GLY B 34 0.23 -8.81 -20.34
N LEU B 35 -0.90 -9.31 -19.83
CA LEU B 35 -1.30 -9.06 -18.46
C LEU B 35 -0.32 -9.70 -17.47
N VAL B 36 0.09 -10.94 -17.73
CA VAL B 36 1.09 -11.58 -16.88
C VAL B 36 2.38 -10.76 -16.86
N SER B 37 2.87 -10.38 -18.05
CA SER B 37 4.11 -9.61 -18.12
CA SER B 37 4.11 -9.60 -18.11
C SER B 37 3.96 -8.28 -17.38
N ALA B 38 2.85 -7.58 -17.60
CA ALA B 38 2.67 -6.32 -16.89
C ALA B 38 2.65 -6.53 -15.39
N SER B 39 2.05 -7.63 -14.93
CA SER B 39 1.97 -7.88 -13.49
C SER B 39 3.34 -8.14 -12.88
N ASN B 40 4.32 -8.57 -13.65
CA ASN B 40 5.64 -8.78 -13.05
C ASN B 40 6.20 -7.49 -12.48
N GLY B 41 5.83 -6.34 -13.06
CA GLY B 41 6.27 -5.05 -12.55
C GLY B 41 5.63 -4.62 -11.25
N TYR B 42 4.56 -5.29 -10.86
CA TYR B 42 3.82 -4.99 -9.63
C TYR B 42 3.64 -6.30 -8.90
N PRO B 43 4.71 -6.84 -8.33
CA PRO B 43 4.64 -8.20 -7.77
C PRO B 43 3.62 -8.36 -6.65
N GLU B 44 3.30 -7.28 -5.91
CA GLU B 44 2.27 -7.39 -4.87
C GLU B 44 0.88 -7.62 -5.46
N PHE B 45 0.65 -7.28 -6.73
CA PHE B 45 -0.66 -7.47 -7.32
C PHE B 45 -0.99 -8.97 -7.39
N GLY B 46 -2.16 -9.34 -6.85
CA GLY B 46 -2.60 -10.73 -6.89
C GLY B 46 -1.81 -11.70 -6.03
N THR B 47 -0.88 -11.19 -5.22
CA THR B 47 -0.14 -12.02 -4.27
C THR B 47 -0.26 -11.50 -2.86
N THR B 48 -1.19 -10.58 -2.59
CA THR B 48 -1.33 -9.92 -1.30
C THR B 48 -2.53 -10.50 -0.57
N GLY B 49 -2.37 -10.74 0.73
CA GLY B 49 -3.45 -11.30 1.53
C GLY B 49 -3.46 -12.81 1.43
N SER B 50 -4.54 -13.40 1.99
CA SER B 50 -4.78 -14.84 1.87
C SER B 50 -5.08 -15.23 0.41
N LEU B 51 -5.16 -16.54 0.16
CA LEU B 51 -5.57 -17.02 -1.15
C LEU B 51 -6.88 -16.37 -1.55
N ASP B 52 -7.83 -16.30 -0.61
CA ASP B 52 -9.12 -15.68 -0.93
C ASP B 52 -8.96 -14.19 -1.23
N ASP B 53 -8.03 -13.51 -0.54
CA ASP B 53 -7.80 -12.09 -0.83
C ASP B 53 -7.24 -11.92 -2.23
N GLN B 54 -6.33 -12.82 -2.62
CA GLN B 54 -5.73 -12.78 -3.95
C GLN B 54 -6.77 -13.02 -5.03
N LYS B 55 -7.66 -13.99 -4.78
CA LYS B 55 -8.72 -14.24 -5.73
C LYS B 55 -9.64 -13.03 -5.86
N ARG B 56 -10.01 -12.44 -4.72
CA ARG B 56 -10.84 -11.24 -4.77
C ARG B 56 -10.14 -10.13 -5.56
N GLU B 57 -8.82 -9.95 -5.36
CA GLU B 57 -8.16 -8.86 -6.08
C GLU B 57 -8.21 -9.07 -7.57
N LEU B 58 -7.93 -10.30 -8.04
CA LEU B 58 -8.05 -10.56 -9.49
C LEU B 58 -9.47 -10.34 -10.00
N ALA B 59 -10.46 -10.89 -9.29
CA ALA B 59 -11.85 -10.68 -9.70
C ALA B 59 -12.21 -9.20 -9.71
N ALA B 60 -11.73 -8.44 -8.73
CA ALA B 60 -12.06 -7.01 -8.64
C ALA B 60 -11.38 -6.24 -9.76
N PHE B 61 -10.11 -6.55 -10.03
CA PHE B 61 -9.40 -5.86 -11.09
C PHE B 61 -10.05 -6.16 -12.42
N LEU B 62 -10.25 -7.44 -12.72
CA LEU B 62 -10.79 -7.78 -14.03
C LEU B 62 -12.27 -7.43 -14.15
N GLY B 63 -13.05 -7.50 -13.04
CA GLY B 63 -14.41 -7.03 -13.09
C GLY B 63 -14.52 -5.54 -13.43
N ASN B 64 -13.67 -4.72 -12.80
CA ASN B 64 -13.65 -3.31 -13.10
C ASN B 64 -13.17 -3.04 -14.54
N ILE B 65 -12.16 -3.78 -14.97
CA ILE B 65 -11.72 -3.72 -16.37
C ILE B 65 -12.88 -4.10 -17.32
N ASN B 66 -13.66 -5.13 -16.95
CA ASN B 66 -14.75 -5.53 -17.84
C ASN B 66 -15.71 -4.37 -18.08
N GLN B 67 -15.99 -3.61 -17.04
CA GLN B 67 -16.86 -2.44 -17.18
C GLN B 67 -16.20 -1.36 -18.04
N ALA B 68 -14.98 -0.96 -17.70
CA ALA B 68 -14.36 0.18 -18.37
C ALA B 68 -14.10 -0.07 -19.85
N SER B 69 -13.79 -1.31 -20.22
CA SER B 69 -13.32 -1.64 -21.57
C SER B 69 -14.36 -2.34 -22.40
N GLY B 70 -15.59 -2.47 -21.91
CA GLY B 70 -16.61 -3.15 -22.69
C GLY B 70 -16.23 -4.59 -22.99
N GLY B 71 -15.77 -5.33 -21.97
CA GLY B 71 -15.40 -6.72 -22.24
C GLY B 71 -14.12 -6.84 -23.03
N LEU B 72 -13.21 -5.87 -22.85
CA LEU B 72 -11.94 -5.78 -23.57
C LEU B 72 -12.16 -5.59 -25.06
N GLN B 73 -13.25 -4.92 -25.42
CA GLN B 73 -13.42 -4.50 -26.82
C GLN B 73 -12.88 -3.10 -27.06
N PHE B 74 -12.83 -2.25 -26.05
CA PHE B 74 -12.42 -0.86 -26.26
C PHE B 74 -10.90 -0.74 -26.20
N ILE B 75 -10.31 -0.22 -27.27
CA ILE B 75 -8.88 0.11 -27.29
C ILE B 75 -8.67 1.60 -27.10
N GLN B 76 -9.37 2.42 -27.88
CA GLN B 76 -9.19 3.86 -27.74
C GLN B 76 -10.47 4.58 -28.12
N GLU B 77 -10.64 5.78 -27.55
CA GLU B 77 -11.82 6.62 -27.77
C GLU B 77 -11.70 7.33 -29.10
N ASP B 83 -8.08 16.48 -26.51
CA ASP B 83 -6.64 16.60 -26.76
C ASP B 83 -6.10 15.18 -27.06
N GLN B 84 -4.78 15.00 -27.00
CA GLN B 84 -4.15 13.70 -27.29
C GLN B 84 -4.24 12.70 -26.15
N TYR B 85 -4.83 13.08 -25.01
CA TYR B 85 -4.90 12.21 -23.84
C TYR B 85 -6.28 11.62 -23.64
N TYR B 86 -6.89 11.24 -24.76
CA TYR B 86 -8.18 10.55 -24.72
C TYR B 86 -8.01 9.13 -24.20
N GLY B 87 -9.15 8.51 -23.90
CA GLY B 87 -9.10 7.20 -23.25
C GLY B 87 -8.46 6.12 -24.08
N ARG B 88 -7.54 5.37 -23.47
CA ARG B 88 -6.87 4.24 -24.12
C ARG B 88 -6.66 3.10 -23.14
N GLY B 89 -6.72 1.89 -23.66
CA GLY B 89 -6.36 0.71 -22.92
C GLY B 89 -7.49 0.24 -22.01
N PRO B 90 -7.21 -0.75 -21.17
CA PRO B 90 -8.32 -1.47 -20.52
C PRO B 90 -8.99 -0.71 -19.39
N ILE B 91 -8.38 0.36 -18.85
CA ILE B 91 -9.10 1.26 -17.94
C ILE B 91 -9.45 2.59 -18.58
N GLN B 92 -9.29 2.72 -19.90
CA GLN B 92 -9.59 3.97 -20.61
C GLN B 92 -8.88 5.13 -19.93
N LEU B 93 -7.59 4.95 -19.71
CA LEU B 93 -6.72 5.98 -19.15
C LEU B 93 -6.89 7.29 -19.89
N SER B 94 -7.22 8.35 -19.15
CA SER B 94 -7.51 9.64 -19.78
C SER B 94 -6.85 10.75 -19.00
N TRP B 95 -6.59 11.86 -19.70
CA TRP B 95 -6.18 13.17 -19.16
C TRP B 95 -4.68 13.33 -19.02
N ASN B 96 -4.21 14.56 -19.31
CA ASN B 96 -2.79 14.85 -19.33
CA ASN B 96 -2.78 14.86 -19.33
C ASN B 96 -2.09 14.44 -18.03
N TYR B 97 -2.65 14.79 -16.88
CA TYR B 97 -1.93 14.51 -15.64
C TYR B 97 -1.78 13.00 -15.37
N ASN B 98 -2.76 12.20 -15.79
CA ASN B 98 -2.60 10.76 -15.61
C ASN B 98 -1.55 10.18 -16.55
N TYR B 99 -1.49 10.65 -17.81
CA TYR B 99 -0.44 10.13 -18.68
C TYR B 99 0.93 10.57 -18.18
N GLY B 100 1.06 11.82 -17.71
CA GLY B 100 2.33 12.26 -17.16
C GLY B 100 2.74 11.45 -15.94
N GLU B 101 1.82 11.23 -15.01
CA GLU B 101 2.14 10.47 -13.80
C GLU B 101 2.43 9.01 -14.10
N ALA B 102 1.54 8.38 -14.88
CA ALA B 102 1.76 6.99 -15.25
C ALA B 102 3.07 6.82 -15.97
N GLY B 103 3.38 7.74 -16.90
CA GLY B 103 4.64 7.60 -17.60
C GLY B 103 5.84 7.70 -16.67
N ALA B 104 5.80 8.65 -15.74
CA ALA B 104 6.93 8.77 -14.81
C ALA B 104 7.07 7.51 -13.95
N ASP B 105 5.96 6.97 -13.48
CA ASP B 105 6.01 5.81 -12.59
C ASP B 105 6.39 4.54 -13.34
N LEU B 106 5.94 4.40 -14.60
CA LEU B 106 6.24 3.22 -15.40
C LEU B 106 7.55 3.33 -16.13
N GLY B 107 8.14 4.51 -16.17
CA GLY B 107 9.34 4.68 -16.97
C GLY B 107 9.10 4.65 -18.47
N LEU B 108 7.99 5.23 -18.91
CA LEU B 108 7.62 5.28 -20.32
C LEU B 108 7.29 6.72 -20.72
N ASP B 109 7.50 7.03 -21.99
CA ASP B 109 7.23 8.37 -22.47
C ASP B 109 5.76 8.52 -22.89
N LEU B 110 4.86 8.28 -21.94
CA LEU B 110 3.43 8.42 -22.22
C LEU B 110 2.98 9.88 -22.37
N LEU B 111 3.73 10.84 -21.80
CA LEU B 111 3.38 12.24 -22.02
C LEU B 111 3.50 12.62 -23.49
N ASN B 112 4.59 12.22 -24.15
CA ASN B 112 4.84 12.60 -25.52
C ASN B 112 4.43 11.54 -26.54
N ASN B 113 4.22 10.31 -26.09
CA ASN B 113 3.76 9.24 -26.98
C ASN B 113 2.59 8.51 -26.34
N PRO B 114 1.50 9.22 -26.05
CA PRO B 114 0.35 8.57 -25.41
C PRO B 114 -0.25 7.47 -26.28
N ASP B 115 -0.04 7.50 -27.61
CA ASP B 115 -0.55 6.41 -28.46
C ASP B 115 0.07 5.07 -28.09
N LEU B 116 1.22 5.05 -27.40
CA LEU B 116 1.81 3.78 -26.98
C LEU B 116 0.79 2.90 -26.24
N VAL B 117 -0.10 3.52 -25.46
CA VAL B 117 -1.08 2.73 -24.69
C VAL B 117 -1.99 1.96 -25.61
N ALA B 118 -2.28 2.48 -26.79
CA ALA B 118 -3.16 1.80 -27.74
C ALA B 118 -2.41 0.95 -28.76
N GLN B 119 -1.08 1.01 -28.75
CA GLN B 119 -0.25 0.30 -29.71
C GLN B 119 0.46 -0.92 -29.14
N ASP B 120 0.67 -0.94 -27.83
CA ASP B 120 1.46 -1.99 -27.19
C ASP B 120 0.60 -2.53 -26.06
N SER B 121 0.14 -3.77 -26.19
CA SER B 121 -0.86 -4.23 -25.23
C SER B 121 -0.24 -4.51 -23.87
N THR B 122 1.06 -4.82 -23.81
CA THR B 122 1.69 -4.90 -22.48
C THR B 122 1.68 -3.54 -21.82
N VAL B 123 2.03 -2.48 -22.57
CA VAL B 123 1.92 -1.14 -22.01
C VAL B 123 0.48 -0.85 -21.58
N ALA B 124 -0.49 -1.25 -22.40
CA ALA B 124 -1.87 -1.03 -22.01
C ALA B 124 -2.18 -1.68 -20.65
N TRP B 125 -1.83 -2.95 -20.49
CA TRP B 125 -2.06 -3.58 -19.19
C TRP B 125 -1.29 -2.88 -18.07
N ARG B 126 -0.09 -2.38 -18.39
CA ARG B 126 0.70 -1.71 -17.35
C ARG B 126 0.00 -0.44 -16.87
N THR B 127 -0.69 0.29 -17.76
CA THR B 127 -1.40 1.48 -17.31
C THR B 127 -2.56 1.11 -16.39
N ALA B 128 -3.22 0.00 -16.68
CA ALA B 128 -4.31 -0.46 -15.80
C ALA B 128 -3.81 -0.88 -14.43
N LEU B 129 -2.70 -1.62 -14.40
CA LEU B 129 -2.17 -2.00 -13.10
C LEU B 129 -1.57 -0.80 -12.38
N TRP B 130 -0.97 0.14 -13.13
CA TRP B 130 -0.49 1.36 -12.51
C TRP B 130 -1.62 2.06 -11.75
N PHE B 131 -2.76 2.25 -12.41
CA PHE B 131 -3.84 2.95 -11.71
C PHE B 131 -4.27 2.14 -10.49
N TRP B 132 -4.43 0.84 -10.67
CA TRP B 132 -4.89 -0.05 -9.60
C TRP B 132 -4.01 0.05 -8.36
N MET B 133 -2.70 -0.04 -8.57
CA MET B 133 -1.73 0.04 -7.46
C MET B 133 -1.57 1.46 -6.93
N LYS B 134 -1.31 2.43 -7.83
CA LYS B 134 -0.93 3.75 -7.37
C LYS B 134 -2.10 4.48 -6.72
N ARG B 135 -3.29 4.34 -7.30
CA ARG B 135 -4.45 5.03 -6.73
C ARG B 135 -5.12 4.18 -5.64
N ASP B 136 -4.62 2.98 -5.41
CA ASP B 136 -4.86 2.16 -4.20
C ASP B 136 -6.17 1.38 -4.26
N CYS B 137 -6.67 1.08 -5.45
CA CYS B 137 -7.65 0.00 -5.51
C CYS B 137 -7.11 -1.25 -4.84
N HIS B 138 -5.82 -1.51 -5.05
CA HIS B 138 -5.15 -2.66 -4.44
C HIS B 138 -5.34 -2.68 -2.93
N GLY B 139 -5.09 -1.55 -2.27
CA GLY B 139 -5.21 -1.52 -0.82
C GLY B 139 -6.64 -1.70 -0.36
N ALA B 140 -7.58 -1.09 -1.06
CA ALA B 140 -8.99 -1.23 -0.69
C ALA B 140 -9.45 -2.69 -0.74
N ILE B 141 -9.14 -3.38 -1.83
CA ILE B 141 -9.66 -4.76 -1.98
C ILE B 141 -8.89 -5.79 -1.13
N THR B 142 -7.64 -5.50 -0.76
CA THR B 142 -6.88 -6.45 0.04
C THR B 142 -6.83 -6.09 1.53
N ALA B 143 -7.48 -5.01 1.92
CA ALA B 143 -7.51 -4.61 3.34
C ALA B 143 -8.23 -5.66 4.16
N SER B 144 -7.98 -5.62 5.47
CA SER B 144 -8.80 -6.32 6.45
C SER B 144 -9.56 -5.26 7.22
N PRO B 145 -10.87 -5.07 6.96
CA PRO B 145 -11.73 -5.81 6.02
C PRO B 145 -11.67 -5.31 4.57
N PRO B 146 -11.96 -6.19 3.62
CA PRO B 146 -11.85 -5.82 2.20
C PRO B 146 -13.02 -4.99 1.74
N SER B 147 -12.77 -4.14 0.72
CA SER B 147 -13.82 -3.25 0.22
C SER B 147 -13.81 -3.19 -1.30
N PHE B 148 -14.71 -3.97 -1.94
CA PHE B 148 -14.86 -3.76 -3.38
C PHE B 148 -15.47 -2.40 -3.68
N SER B 149 -16.40 -1.95 -2.84
CA SER B 149 -16.96 -0.61 -3.07
C SER B 149 -15.88 0.47 -3.10
N GLY B 150 -14.87 0.32 -2.24
CA GLY B 150 -13.74 1.22 -2.24
C GLY B 150 -13.01 1.30 -3.57
N THR B 151 -12.97 0.19 -4.33
CA THR B 151 -12.35 0.26 -5.65
C THR B 151 -13.20 1.06 -6.62
N ILE B 152 -14.53 1.00 -6.50
CA ILE B 152 -15.40 1.81 -7.34
C ILE B 152 -15.24 3.29 -7.00
N ARG B 153 -15.21 3.63 -5.69
CA ARG B 153 -14.96 5.01 -5.31
C ARG B 153 -13.67 5.53 -5.93
N ILE B 154 -12.62 4.72 -5.93
CA ILE B 154 -11.33 5.18 -6.43
C ILE B 154 -11.36 5.33 -7.93
N ILE B 155 -11.99 4.39 -8.63
CA ILE B 155 -11.98 4.42 -10.10
C ILE B 155 -12.91 5.49 -10.65
N ASN B 156 -14.11 5.66 -10.08
CA ASN B 156 -15.08 6.55 -10.69
C ASN B 156 -16.15 7.02 -9.70
N GLY B 157 -15.76 7.28 -8.43
CA GLY B 157 -16.75 7.61 -7.42
C GLY B 157 -17.60 8.82 -7.75
N GLY B 158 -17.00 9.87 -8.31
CA GLY B 158 -17.76 11.07 -8.58
C GLY B 158 -18.93 10.82 -9.51
N LEU B 159 -18.75 9.90 -10.43
CA LEU B 159 -19.77 9.63 -11.42
C LEU B 159 -20.66 8.46 -11.06
N GLU B 160 -20.20 7.53 -10.24
CA GLU B 160 -20.92 6.29 -10.04
C GLU B 160 -21.37 6.03 -8.61
N CYS B 161 -20.74 6.65 -7.61
CA CYS B 161 -21.13 6.44 -6.21
C CYS B 161 -22.12 7.52 -5.77
N ASN B 162 -22.93 7.18 -4.77
CA ASN B 162 -23.96 8.09 -4.25
C ASN B 162 -24.87 8.57 -5.38
N GLN B 163 -25.19 7.65 -6.33
CA GLN B 163 -25.98 8.05 -7.50
C GLN B 163 -27.42 7.58 -7.30
N PRO B 164 -28.41 8.28 -7.87
CA PRO B 164 -29.80 7.81 -7.74
C PRO B 164 -29.92 6.38 -8.28
N ALA B 165 -30.61 5.53 -7.51
CA ALA B 165 -30.82 4.16 -7.93
C ALA B 165 -31.43 4.12 -9.34
N GLY B 166 -30.82 3.34 -10.22
CA GLY B 166 -31.30 3.15 -11.56
C GLY B 166 -30.68 4.07 -12.59
N SER B 167 -30.09 5.16 -12.14
CA SER B 167 -29.42 6.10 -13.05
C SER B 167 -28.22 5.45 -13.72
N ILE B 168 -27.73 6.07 -14.81
CA ILE B 168 -26.61 5.46 -15.54
C ILE B 168 -25.42 5.23 -14.64
N GLY B 169 -25.06 6.21 -13.83
CA GLY B 169 -23.91 6.00 -12.97
C GLY B 169 -24.14 4.87 -11.97
N ASN B 170 -25.35 4.82 -11.39
CA ASN B 170 -25.66 3.74 -10.46
C ASN B 170 -25.68 2.39 -11.18
N MET B 171 -26.11 2.37 -12.44
CA MET B 171 -26.07 1.10 -13.19
C MET B 171 -24.64 0.68 -13.52
N GLN B 172 -23.74 1.63 -13.80
CA GLN B 172 -22.35 1.23 -13.99
C GLN B 172 -21.76 0.67 -12.71
N MET B 173 -22.09 1.28 -11.56
CA MET B 173 -21.67 0.75 -10.27
C MET B 173 -22.17 -0.68 -10.07
N GLU B 174 -23.47 -0.92 -10.35
CA GLU B 174 -24.02 -2.27 -10.21
C GLU B 174 -23.38 -3.24 -11.21
N ASN B 175 -23.03 -2.76 -12.42
CA ASN B 175 -22.35 -3.61 -13.37
C ASN B 175 -21.03 -4.11 -12.82
N ARG B 176 -20.26 -3.22 -12.23
CA ARG B 176 -18.99 -3.63 -11.64
C ARG B 176 -19.24 -4.68 -10.58
N VAL B 177 -20.22 -4.45 -9.71
CA VAL B 177 -20.57 -5.44 -8.69
C VAL B 177 -20.94 -6.77 -9.33
N THR B 178 -21.73 -6.74 -10.42
CA THR B 178 -22.14 -7.96 -11.10
C THR B 178 -20.93 -8.72 -11.62
N TYR B 179 -20.02 -8.02 -12.30
CA TYR B 179 -18.88 -8.74 -12.87
C TYR B 179 -17.98 -9.27 -11.78
N TYR B 180 -17.71 -8.43 -10.77
CA TYR B 180 -16.87 -8.86 -9.65
C TYR B 180 -17.44 -10.11 -8.98
N THR B 181 -18.74 -10.09 -8.66
CA THR B 181 -19.36 -11.22 -7.98
C THR B 181 -19.40 -12.46 -8.88
N GLN B 182 -19.61 -12.28 -10.19
CA GLN B 182 -19.56 -13.42 -11.11
C GLN B 182 -18.15 -14.00 -11.14
N PHE B 183 -17.13 -13.14 -11.20
CA PHE B 183 -15.77 -13.67 -11.28
C PHE B 183 -15.36 -14.35 -9.97
N CYS B 184 -15.79 -13.80 -8.84
CA CYS B 184 -15.56 -14.49 -7.57
C CYS B 184 -16.21 -15.87 -7.58
N GLN B 185 -17.42 -15.96 -8.14
CA GLN B 185 -18.14 -17.23 -8.17
C GLN B 185 -17.34 -18.27 -8.96
N THR B 186 -16.76 -17.85 -10.08
CA THR B 186 -15.89 -18.75 -10.83
C THR B 186 -14.76 -19.31 -9.98
N LEU B 187 -14.18 -18.45 -9.14
CA LEU B 187 -13.06 -18.81 -8.29
C LEU B 187 -13.49 -19.45 -6.97
N GLY B 188 -14.79 -19.58 -6.73
CA GLY B 188 -15.28 -20.19 -5.49
C GLY B 188 -14.99 -19.36 -4.24
N VAL B 189 -14.96 -18.02 -4.36
CA VAL B 189 -14.58 -17.19 -3.22
C VAL B 189 -15.73 -16.24 -2.87
N ASP B 190 -15.87 -15.94 -1.58
CA ASP B 190 -16.87 -14.96 -1.17
C ASP B 190 -16.43 -13.57 -1.62
N PRO B 191 -17.28 -12.81 -2.33
CA PRO B 191 -16.87 -11.45 -2.74
C PRO B 191 -16.78 -10.46 -1.58
N GLY B 192 -17.36 -10.80 -0.42
CA GLY B 192 -17.44 -9.89 0.71
C GLY B 192 -18.68 -9.04 0.63
N THR B 193 -18.99 -8.40 1.73
CA THR B 193 -20.28 -7.72 1.77
C THR B 193 -20.20 -6.24 1.41
N ASP B 194 -19.03 -5.62 1.42
CA ASP B 194 -18.95 -4.19 1.14
C ASP B 194 -18.77 -3.97 -0.36
N LEU B 195 -19.88 -4.05 -1.09
CA LEU B 195 -19.85 -4.10 -2.55
C LEU B 195 -20.27 -2.80 -3.22
N ARG B 196 -21.29 -2.16 -2.70
CA ARG B 196 -21.92 -1.03 -3.39
C ARG B 196 -21.51 0.31 -2.82
N CYS B 197 -21.54 1.32 -3.67
CA CYS B 197 -21.29 2.70 -3.24
C CYS B 197 -22.39 3.64 -3.76
N HIS C 6 9.86 -30.45 0.26
CA HIS C 6 10.18 -29.58 -0.88
C HIS C 6 9.01 -29.44 -1.83
N HIS C 7 7.83 -29.95 -1.42
CA HIS C 7 6.65 -30.01 -2.28
C HIS C 7 5.43 -29.36 -1.61
N GLN C 8 5.08 -29.73 -0.36
CA GLN C 8 4.01 -29.02 0.34
C GLN C 8 4.45 -27.58 0.61
N SER C 9 3.51 -26.63 0.49
CA SER C 9 3.83 -25.23 0.81
C SER C 9 4.15 -25.06 2.29
N TRP C 10 5.06 -24.14 2.59
CA TRP C 10 5.37 -23.98 4.01
C TRP C 10 4.19 -23.42 4.80
N THR C 11 3.27 -22.70 4.16
CA THR C 11 2.04 -22.21 4.80
C THR C 11 1.17 -23.35 5.31
N SER C 12 1.38 -24.57 4.83
CA SER C 12 0.59 -25.67 5.34
C SER C 12 0.99 -26.03 6.77
N PHE C 13 2.19 -25.66 7.23
CA PHE C 13 2.53 -25.92 8.63
C PHE C 13 2.78 -24.68 9.46
N VAL C 14 3.27 -23.57 8.89
CA VAL C 14 3.17 -22.29 9.59
C VAL C 14 1.87 -21.67 9.08
N THR C 15 0.77 -22.02 9.72
CA THR C 15 -0.54 -21.42 9.50
C THR C 15 -0.62 -20.02 10.11
N PRO C 16 -1.66 -19.25 9.76
CA PRO C 16 -1.85 -17.94 10.40
C PRO C 16 -1.84 -18.02 11.92
N ALA C 17 -2.56 -18.98 12.50
CA ALA C 17 -2.60 -19.09 13.96
C ALA C 17 -1.23 -19.46 14.55
N VAL C 18 -0.45 -20.31 13.88
CA VAL C 18 0.90 -20.58 14.39
C VAL C 18 1.70 -19.29 14.48
N PHE C 19 1.67 -18.51 13.40
CA PHE C 19 2.34 -17.22 13.34
C PHE C 19 1.84 -16.30 14.44
N GLU C 20 0.52 -16.23 14.62
CA GLU C 20 -0.02 -15.35 15.65
C GLU C 20 0.42 -15.78 17.05
N GLY C 21 0.42 -17.09 17.33
CA GLY C 21 0.86 -17.55 18.64
C GLY C 21 2.34 -17.29 18.88
N TRP C 22 3.14 -17.31 17.81
CA TRP C 22 4.57 -16.98 17.94
C TRP C 22 4.81 -15.49 18.16
N PHE C 23 3.92 -14.64 17.64
CA PHE C 23 4.10 -13.18 17.63
C PHE C 23 2.85 -12.50 18.18
N PRO C 24 2.52 -12.76 19.43
CA PRO C 24 1.28 -12.21 19.99
C PRO C 24 1.33 -10.73 20.22
N ASN C 25 2.52 -10.11 20.27
CA ASN C 25 2.62 -8.68 20.55
C ASN C 25 3.05 -7.89 19.33
N ARG C 26 2.91 -8.47 18.16
CA ARG C 26 3.36 -7.81 16.94
C ARG C 26 2.60 -6.51 16.70
N ASN C 27 3.33 -5.55 16.14
CA ASN C 27 2.73 -4.32 15.64
C ASN C 27 1.83 -4.65 14.43
N PRO C 28 0.71 -3.95 14.29
CA PRO C 28 -0.20 -4.23 13.15
C PRO C 28 0.43 -4.06 11.78
N PHE C 29 1.56 -3.35 11.71
CA PHE C 29 2.31 -3.31 10.46
C PHE C 29 2.66 -4.70 9.94
N TYR C 30 3.01 -5.59 10.86
CA TYR C 30 3.54 -6.91 10.51
C TYR C 30 2.41 -7.93 10.47
N THR C 31 2.19 -8.53 9.31
CA THR C 31 1.14 -9.51 9.17
C THR C 31 1.69 -10.79 8.55
N TYR C 32 0.98 -11.90 8.83
CA TYR C 32 1.31 -13.18 8.23
C TYR C 32 1.26 -13.12 6.72
N ASP C 33 0.24 -12.47 6.17
CA ASP C 33 0.05 -12.42 4.74
C ASP C 33 1.17 -11.67 4.06
N GLY C 34 1.75 -10.67 4.73
CA GLY C 34 2.87 -9.94 4.14
C GLY C 34 4.10 -10.83 4.02
N LEU C 35 4.32 -11.69 5.02
CA LEU C 35 5.40 -12.67 4.95
C LEU C 35 5.17 -13.64 3.79
N VAL C 36 3.95 -14.20 3.68
CA VAL C 36 3.71 -15.14 2.58
C VAL C 36 3.94 -14.46 1.23
N SER C 37 3.45 -13.23 1.08
CA SER C 37 3.61 -12.48 -0.16
C SER C 37 5.09 -12.25 -0.48
N ALA C 38 5.87 -11.86 0.53
CA ALA C 38 7.30 -11.65 0.30
C ALA C 38 7.98 -12.95 -0.10
N SER C 39 7.55 -14.07 0.49
CA SER C 39 8.20 -15.34 0.20
C SER C 39 7.88 -15.84 -1.20
N ASN C 40 6.82 -15.31 -1.80
CA ASN C 40 6.45 -15.63 -3.17
C ASN C 40 7.61 -15.35 -4.14
N GLY C 41 8.40 -14.31 -3.88
CA GLY C 41 9.55 -14.00 -4.72
C GLY C 41 10.75 -14.88 -4.50
N TYR C 42 10.77 -15.68 -3.43
CA TYR C 42 11.88 -16.60 -3.13
C TYR C 42 11.29 -17.99 -3.04
N PRO C 43 10.95 -18.61 -4.17
CA PRO C 43 10.18 -19.86 -4.11
C PRO C 43 10.89 -20.96 -3.34
N GLU C 44 12.23 -20.95 -3.32
CA GLU C 44 12.98 -21.97 -2.59
C GLU C 44 12.90 -21.80 -1.09
N PHE C 45 12.51 -20.63 -0.61
CA PHE C 45 12.41 -20.41 0.83
C PHE C 45 11.30 -21.30 1.38
N GLY C 46 11.64 -22.13 2.36
CA GLY C 46 10.64 -23.00 2.97
C GLY C 46 10.14 -24.12 2.09
N THR C 47 10.80 -24.38 0.96
CA THR C 47 10.45 -25.49 0.06
C THR C 47 11.67 -26.26 -0.36
N THR C 48 12.76 -26.13 0.37
CA THR C 48 14.03 -26.75 0.02
C THR C 48 14.28 -27.89 0.98
N GLY C 49 14.55 -29.08 0.44
CA GLY C 49 14.90 -30.20 1.29
C GLY C 49 13.72 -31.06 1.66
N SER C 50 13.86 -31.81 2.76
CA SER C 50 12.75 -32.63 3.27
C SER C 50 11.72 -31.73 3.94
N LEU C 51 10.56 -32.31 4.28
CA LEU C 51 9.57 -31.55 5.05
C LEU C 51 10.19 -30.99 6.32
N ASP C 52 11.05 -31.77 6.97
CA ASP C 52 11.62 -31.29 8.21
C ASP C 52 12.63 -30.18 7.99
N ASP C 53 13.33 -30.19 6.82
CA ASP C 53 14.16 -29.03 6.44
C ASP C 53 13.29 -27.79 6.25
N GLN C 54 12.13 -27.95 5.60
CA GLN C 54 11.25 -26.80 5.40
C GLN C 54 10.80 -26.24 6.73
N LYS C 55 10.43 -27.13 7.66
CA LYS C 55 10.00 -26.69 8.97
C LYS C 55 11.12 -25.99 9.74
N ARG C 56 12.32 -26.58 9.77
CA ARG C 56 13.44 -25.92 10.42
C ARG C 56 13.71 -24.57 9.79
N GLU C 57 13.60 -24.45 8.46
CA GLU C 57 13.91 -23.15 7.87
C GLU C 57 12.93 -22.09 8.35
N LEU C 58 11.63 -22.39 8.37
CA LEU C 58 10.67 -21.38 8.85
C LEU C 58 10.92 -21.06 10.31
N ALA C 59 11.12 -22.09 11.15
CA ALA C 59 11.39 -21.82 12.55
C ALA C 59 12.65 -20.99 12.74
N ALA C 60 13.70 -21.26 11.95
CA ALA C 60 14.94 -20.50 12.09
C ALA C 60 14.77 -19.07 11.64
N PHE C 61 14.07 -18.85 10.51
CA PHE C 61 13.87 -17.50 10.02
C PHE C 61 13.06 -16.70 11.02
N LEU C 62 11.93 -17.29 11.48
CA LEU C 62 11.07 -16.51 12.37
C LEU C 62 11.67 -16.41 13.76
N GLY C 63 12.47 -17.40 14.19
CA GLY C 63 13.10 -17.27 15.49
C GLY C 63 14.13 -16.15 15.49
N ASN C 64 14.90 -16.04 14.41
CA ASN C 64 15.86 -14.94 14.28
C ASN C 64 15.13 -13.58 14.15
N ILE C 65 14.03 -13.55 13.39
CA ILE C 65 13.22 -12.33 13.29
C ILE C 65 12.69 -11.94 14.66
N ASN C 66 12.28 -12.92 15.49
CA ASN C 66 11.74 -12.59 16.80
C ASN C 66 12.77 -11.84 17.64
N GLN C 67 14.03 -12.26 17.58
CA GLN C 67 15.07 -11.58 18.32
C GLN C 67 15.35 -10.20 17.72
N ALA C 68 15.49 -10.13 16.39
CA ALA C 68 15.94 -8.88 15.76
C ALA C 68 14.89 -7.79 15.86
N SER C 69 13.60 -8.18 15.91
CA SER C 69 12.52 -7.21 15.82
C SER C 69 11.79 -7.01 17.14
N GLY C 70 12.27 -7.62 18.23
CA GLY C 70 11.57 -7.49 19.49
C GLY C 70 10.16 -8.02 19.41
N GLY C 71 10.00 -9.20 18.80
CA GLY C 71 8.64 -9.72 18.69
C GLY C 71 7.78 -8.98 17.69
N LEU C 72 8.39 -8.48 16.62
CA LEU C 72 7.70 -7.72 15.58
C LEU C 72 7.09 -6.45 16.14
N GLN C 73 7.80 -5.83 17.10
CA GLN C 73 7.46 -4.50 17.56
C GLN C 73 8.28 -3.42 16.88
N PHE C 74 9.51 -3.73 16.46
CA PHE C 74 10.40 -2.77 15.82
C PHE C 74 9.98 -2.52 14.38
N ILE C 75 9.68 -1.26 14.05
CA ILE C 75 9.53 -0.84 12.66
C ILE C 75 10.73 -0.05 12.19
N GLN C 76 11.14 0.96 12.96
CA GLN C 76 12.29 1.73 12.54
C GLN C 76 12.81 2.51 13.74
N GLU C 77 14.06 2.95 13.66
CA GLU C 77 14.63 3.70 14.77
C GLU C 77 15.72 4.58 14.20
N GLN C 78 15.41 5.86 14.11
CA GLN C 78 16.27 6.90 13.57
C GLN C 78 17.29 7.30 14.62
N GLN C 81 23.03 9.90 15.73
CA GLN C 81 22.42 10.71 14.68
C GLN C 81 22.80 10.12 13.33
N SER C 82 22.19 8.99 13.00
CA SER C 82 22.61 8.20 11.85
C SER C 82 22.28 8.94 10.54
N ASP C 83 22.66 8.32 9.44
CA ASP C 83 22.24 8.80 8.13
C ASP C 83 20.83 8.29 7.85
N GLN C 84 20.42 8.25 6.57
CA GLN C 84 19.06 7.83 6.24
C GLN C 84 18.91 6.31 6.21
N TYR C 85 19.98 5.56 6.46
CA TYR C 85 19.95 4.11 6.35
C TYR C 85 19.93 3.46 7.73
N TYR C 86 19.21 4.09 8.65
CA TYR C 86 19.02 3.49 9.96
C TYR C 86 18.16 2.24 9.85
N GLY C 87 18.13 1.46 10.93
CA GLY C 87 17.40 0.21 10.92
C GLY C 87 15.90 0.31 10.64
N ARG C 88 15.44 -0.53 9.72
CA ARG C 88 14.03 -0.57 9.35
C ARG C 88 13.62 -2.00 9.06
N GLY C 89 12.41 -2.33 9.45
CA GLY C 89 11.86 -3.63 9.13
C GLY C 89 12.29 -4.70 10.12
N PRO C 90 11.89 -5.95 9.87
CA PRO C 90 12.00 -6.95 10.93
C PRO C 90 13.39 -7.51 11.14
N ILE C 91 14.35 -7.23 10.24
CA ILE C 91 15.74 -7.56 10.55
C ILE C 91 16.54 -6.32 10.87
N GLN C 92 15.89 -5.17 11.06
CA GLN C 92 16.60 -3.92 11.35
C GLN C 92 17.64 -3.63 10.26
N LEU C 93 17.24 -3.78 9.00
CA LEU C 93 18.14 -3.53 7.85
C LEU C 93 18.79 -2.17 8.01
N SER C 94 20.12 -2.15 7.95
CA SER C 94 20.87 -0.93 8.19
C SER C 94 22.01 -0.81 7.19
N TRP C 95 22.39 0.45 6.93
CA TRP C 95 23.61 0.88 6.24
C TRP C 95 23.44 0.99 4.73
N ASN C 96 24.10 2.00 4.19
CA ASN C 96 23.96 2.31 2.78
CA ASN C 96 24.00 2.32 2.78
C ASN C 96 24.19 1.11 1.88
N TYR C 97 25.26 0.35 2.11
CA TYR C 97 25.54 -0.74 1.17
C TYR C 97 24.46 -1.83 1.19
N ASN C 98 23.82 -2.07 2.33
CA ASN C 98 22.76 -3.07 2.36
C ASN C 98 21.52 -2.55 1.64
N TYR C 99 21.19 -1.26 1.82
CA TYR C 99 20.04 -0.73 1.10
C TYR C 99 20.28 -0.71 -0.40
N GLY C 100 21.51 -0.39 -0.81
CA GLY C 100 21.81 -0.40 -2.24
C GLY C 100 21.76 -1.79 -2.83
N GLU C 101 22.36 -2.77 -2.13
CA GLU C 101 22.38 -4.15 -2.65
C GLU C 101 21.00 -4.79 -2.61
N ALA C 102 20.28 -4.64 -1.49
CA ALA C 102 18.94 -5.20 -1.37
C ALA C 102 18.03 -4.60 -2.43
N GLY C 103 18.15 -3.29 -2.64
CA GLY C 103 17.34 -2.63 -3.64
C GLY C 103 17.61 -3.16 -5.04
N ALA C 104 18.89 -3.32 -5.38
CA ALA C 104 19.22 -3.90 -6.68
C ALA C 104 18.64 -5.31 -6.84
N ASP C 105 18.81 -6.15 -5.81
CA ASP C 105 18.39 -7.55 -5.92
C ASP C 105 16.87 -7.67 -5.92
N LEU C 106 16.17 -6.78 -5.21
CA LEU C 106 14.72 -6.82 -5.12
C LEU C 106 14.04 -6.03 -6.23
N GLY C 107 14.80 -5.22 -6.97
CA GLY C 107 14.18 -4.37 -7.97
C GLY C 107 13.40 -3.24 -7.34
N LEU C 108 13.94 -2.64 -6.27
CA LEU C 108 13.27 -1.57 -5.55
C LEU C 108 14.28 -0.44 -5.37
N ASP C 109 13.82 0.81 -5.39
CA ASP C 109 14.77 1.92 -5.20
C ASP C 109 14.94 2.23 -3.72
N LEU C 110 15.56 1.28 -3.04
CA LEU C 110 15.80 1.44 -1.62
C LEU C 110 16.96 2.37 -1.35
N LEU C 111 17.86 2.55 -2.32
CA LEU C 111 18.94 3.51 -2.09
C LEU C 111 18.38 4.91 -1.94
N ASN C 112 17.42 5.27 -2.80
CA ASN C 112 16.93 6.64 -2.77
C ASN C 112 15.67 6.78 -1.95
N ASN C 113 14.97 5.70 -1.69
CA ASN C 113 13.74 5.72 -0.91
C ASN C 113 13.79 4.64 0.16
N PRO C 114 14.75 4.73 1.06
CA PRO C 114 14.88 3.72 2.13
C PRO C 114 13.68 3.64 3.01
N ASP C 115 12.90 4.72 3.09
CA ASP C 115 11.70 4.67 3.93
C ASP C 115 10.65 3.69 3.43
N LEU C 116 10.76 3.22 2.18
CA LEU C 116 9.81 2.21 1.70
C LEU C 116 9.79 1.00 2.62
N VAL C 117 10.95 0.66 3.22
CA VAL C 117 11.02 -0.52 4.10
C VAL C 117 10.10 -0.35 5.29
N ALA C 118 9.89 0.88 5.73
CA ALA C 118 9.04 1.13 6.90
C ALA C 118 7.63 1.56 6.52
N GLN C 119 7.33 1.65 5.22
CA GLN C 119 6.02 2.07 4.74
C GLN C 119 5.21 0.93 4.16
N ASP C 120 5.88 -0.04 3.55
CA ASP C 120 5.20 -1.16 2.92
C ASP C 120 5.69 -2.43 3.60
N SER C 121 4.78 -3.10 4.34
CA SER C 121 5.29 -4.21 5.13
C SER C 121 5.68 -5.42 4.29
N THR C 122 5.11 -5.56 3.08
CA THR C 122 5.63 -6.59 2.19
C THR C 122 7.08 -6.31 1.82
N VAL C 123 7.41 -5.04 1.52
CA VAL C 123 8.81 -4.70 1.28
C VAL C 123 9.65 -4.98 2.52
N ALA C 124 9.13 -4.65 3.70
CA ALA C 124 9.83 -4.95 4.94
C ALA C 124 10.17 -6.43 5.04
N TRP C 125 9.17 -7.31 4.86
CA TRP C 125 9.46 -8.73 4.88
C TRP C 125 10.41 -9.13 3.77
N ARG C 126 10.30 -8.49 2.58
CA ARG C 126 11.21 -8.84 1.48
C ARG C 126 12.67 -8.52 1.83
N THR C 127 12.93 -7.43 2.59
CA THR C 127 14.32 -7.15 2.95
C THR C 127 14.86 -8.22 3.90
N ALA C 128 14.01 -8.76 4.76
CA ALA C 128 14.45 -9.82 5.67
C ALA C 128 14.70 -11.12 4.89
N LEU C 129 13.81 -11.45 3.95
CA LEU C 129 14.02 -12.64 3.14
C LEU C 129 15.21 -12.46 2.20
N TRP C 130 15.44 -11.22 1.71
CA TRP C 130 16.63 -10.96 0.91
C TRP C 130 17.89 -11.27 1.72
N PHE C 131 17.96 -10.77 2.95
CA PHE C 131 19.17 -11.05 3.73
C PHE C 131 19.32 -12.54 3.96
N TRP C 132 18.23 -13.18 4.36
CA TRP C 132 18.22 -14.62 4.61
C TRP C 132 18.72 -15.43 3.42
N MET C 133 18.27 -15.09 2.19
CA MET C 133 18.66 -15.85 1.00
C MET C 133 20.03 -15.40 0.46
N LYS C 134 20.22 -14.09 0.29
CA LYS C 134 21.44 -13.59 -0.33
C LYS C 134 22.67 -13.82 0.55
N ARG C 135 22.54 -13.59 1.85
CA ARG C 135 23.67 -13.77 2.76
C ARG C 135 23.77 -15.20 3.29
N ASP C 136 22.83 -16.07 2.87
CA ASP C 136 22.92 -17.53 2.93
C ASP C 136 22.57 -18.17 4.27
N CYS C 137 21.76 -17.52 5.10
CA CYS C 137 21.10 -18.24 6.18
C CYS C 137 20.37 -19.44 5.61
N HIS C 138 19.76 -19.25 4.44
CA HIS C 138 19.00 -20.33 3.78
C HIS C 138 19.87 -21.55 3.55
N GLY C 139 21.06 -21.36 2.99
CA GLY C 139 21.96 -22.48 2.75
C GLY C 139 22.43 -23.14 4.02
N ALA C 140 22.72 -22.35 5.06
CA ALA C 140 23.15 -22.93 6.32
C ALA C 140 22.07 -23.80 6.93
N ILE C 141 20.82 -23.33 6.96
CA ILE C 141 19.81 -24.08 7.70
C ILE C 141 19.29 -25.26 6.88
N THR C 142 19.40 -25.23 5.54
CA THR C 142 18.89 -26.36 4.75
C THR C 142 20.01 -27.30 4.31
N ALA C 143 21.24 -27.03 4.73
CA ALA C 143 22.36 -27.91 4.41
C ALA C 143 22.14 -29.27 5.06
N SER C 144 22.80 -30.29 4.50
CA SER C 144 22.96 -31.54 5.22
C SER C 144 24.41 -31.66 5.63
N PRO C 145 24.74 -31.54 6.92
CA PRO C 145 23.82 -31.33 8.06
C PRO C 145 23.40 -29.89 8.24
N PRO C 146 22.22 -29.65 8.82
CA PRO C 146 21.74 -28.27 8.99
C PRO C 146 22.48 -27.58 10.13
N SER C 147 22.58 -26.26 10.03
CA SER C 147 23.24 -25.47 11.07
C SER C 147 22.41 -24.24 11.44
N PHE C 148 21.66 -24.31 12.56
CA PHE C 148 21.07 -23.07 13.06
C PHE C 148 22.15 -22.10 13.54
N SER C 149 23.19 -22.61 14.20
CA SER C 149 24.25 -21.69 14.63
C SER C 149 24.83 -20.93 13.45
N GLY C 150 24.91 -21.57 12.29
CA GLY C 150 25.36 -20.87 11.07
C GLY C 150 24.53 -19.65 10.73
N THR C 151 23.23 -19.68 11.03
CA THR C 151 22.41 -18.53 10.73
C THR C 151 22.73 -17.38 11.69
N ILE C 152 23.03 -17.71 12.95
CA ILE C 152 23.42 -16.66 13.90
C ILE C 152 24.75 -16.05 13.48
N ARG C 153 25.67 -16.86 12.98
CA ARG C 153 26.95 -16.30 12.53
C ARG C 153 26.75 -15.33 11.40
N ILE C 154 25.85 -15.65 10.48
CA ILE C 154 25.63 -14.80 9.32
C ILE C 154 24.92 -13.51 9.74
N ILE C 155 23.98 -13.62 10.65
CA ILE C 155 23.16 -12.45 10.96
C ILE C 155 23.92 -11.47 11.83
N ASN C 156 24.63 -11.98 12.84
CA ASN C 156 25.23 -11.11 13.83
C ASN C 156 26.43 -11.79 14.52
N LEU C 159 28.66 -10.16 16.71
CA LEU C 159 28.42 -9.60 18.03
C LEU C 159 27.83 -10.61 19.00
N GLU C 160 27.18 -11.64 18.46
CA GLU C 160 26.54 -12.57 19.38
C GLU C 160 27.25 -13.91 19.46
N CYS C 161 28.11 -14.23 18.50
CA CYS C 161 28.82 -15.49 18.63
C CYS C 161 30.10 -15.27 19.40
N ASN C 162 30.62 -16.37 19.95
CA ASN C 162 31.93 -16.31 20.60
C ASN C 162 31.94 -15.27 21.71
N GLN C 163 30.83 -15.22 22.46
CA GLN C 163 30.69 -14.30 23.57
C GLN C 163 30.76 -15.05 24.88
N PRO C 164 31.19 -14.39 25.94
CA PRO C 164 31.30 -15.07 27.25
C PRO C 164 29.93 -15.48 27.75
N ALA C 165 29.88 -16.63 28.42
CA ALA C 165 28.64 -17.02 29.05
C ALA C 165 28.18 -15.93 30.02
N GLY C 166 26.89 -15.62 29.99
CA GLY C 166 26.32 -14.64 30.85
C GLY C 166 26.29 -13.24 30.27
N SER C 167 27.09 -13.00 29.24
CA SER C 167 27.15 -11.66 28.64
C SER C 167 25.88 -11.37 27.84
N ILE C 168 25.69 -10.09 27.52
CA ILE C 168 24.48 -9.73 26.79
C ILE C 168 24.51 -10.35 25.40
N GLY C 169 25.69 -10.39 24.73
CA GLY C 169 25.74 -11.00 23.42
C GLY C 169 25.42 -12.49 23.45
N ASN C 170 25.97 -13.18 24.45
CA ASN C 170 25.64 -14.59 24.62
C ASN C 170 24.16 -14.76 24.96
N MET C 171 23.57 -13.83 25.74
CA MET C 171 22.12 -13.96 25.99
C MET C 171 21.29 -13.81 24.74
N GLN C 172 21.66 -12.88 23.85
CA GLN C 172 20.93 -12.72 22.60
C GLN C 172 21.06 -13.96 21.75
N MET C 173 22.25 -14.54 21.68
CA MET C 173 22.46 -15.80 20.97
C MET C 173 21.54 -16.87 21.53
N GLU C 174 21.58 -17.04 22.86
CA GLU C 174 20.71 -18.02 23.51
C GLU C 174 19.24 -17.73 23.27
N ASN C 175 18.86 -16.44 23.23
CA ASN C 175 17.47 -16.10 22.90
C ASN C 175 17.11 -16.67 21.53
N ARG C 176 17.96 -16.44 20.53
CA ARG C 176 17.68 -16.98 19.20
C ARG C 176 17.49 -18.49 19.25
N VAL C 177 18.36 -19.18 19.99
CA VAL C 177 18.21 -20.62 20.14
C VAL C 177 16.89 -20.96 20.83
N THR C 178 16.54 -20.23 21.89
CA THR C 178 15.26 -20.48 22.58
C THR C 178 14.08 -20.35 21.62
N TYR C 179 14.04 -19.26 20.83
CA TYR C 179 12.91 -19.04 19.95
C TYR C 179 12.87 -20.12 18.88
N TYR C 180 14.01 -20.39 18.25
CA TYR C 180 14.09 -21.46 17.23
C TYR C 180 13.61 -22.79 17.78
N THR C 181 14.13 -23.18 18.93
CA THR C 181 13.74 -24.50 19.46
C THR C 181 12.28 -24.50 19.89
N GLN C 182 11.76 -23.39 20.44
CA GLN C 182 10.33 -23.36 20.75
CA GLN C 182 10.32 -23.33 20.76
C GLN C 182 9.47 -23.45 19.50
N PHE C 183 9.87 -22.76 18.44
CA PHE C 183 9.10 -22.81 17.21
C PHE C 183 9.20 -24.19 16.58
N CYS C 184 10.37 -24.83 16.63
CA CYS C 184 10.43 -26.21 16.14
C CYS C 184 9.52 -27.13 16.93
N GLN C 185 9.43 -26.90 18.25
CA GLN C 185 8.52 -27.69 19.07
CA GLN C 185 8.52 -27.70 19.06
C GLN C 185 7.09 -27.57 18.57
N THR C 186 6.66 -26.33 18.26
CA THR C 186 5.31 -26.12 17.75
C THR C 186 5.06 -26.96 16.50
N LEU C 187 6.07 -27.04 15.64
CA LEU C 187 5.97 -27.74 14.36
C LEU C 187 6.25 -29.23 14.46
N GLY C 188 6.64 -29.72 15.64
CA GLY C 188 6.95 -31.12 15.79
C GLY C 188 8.22 -31.60 15.11
N VAL C 189 9.23 -30.71 14.95
CA VAL C 189 10.46 -31.04 14.24
C VAL C 189 11.68 -30.96 15.16
N ASP C 190 12.64 -31.83 14.90
CA ASP C 190 13.91 -31.77 15.60
C ASP C 190 14.65 -30.53 15.16
N PRO C 191 15.08 -29.65 16.07
CA PRO C 191 15.83 -28.45 15.65
C PRO C 191 17.21 -28.77 15.15
N GLY C 192 17.72 -29.96 15.44
CA GLY C 192 19.09 -30.35 15.13
C GLY C 192 20.07 -29.89 16.21
N THR C 193 21.29 -30.45 16.17
CA THR C 193 22.17 -30.26 17.31
C THR C 193 23.07 -29.04 17.22
N ASP C 194 23.26 -28.49 16.02
CA ASP C 194 24.24 -27.39 15.84
C ASP C 194 23.52 -26.06 16.04
N LEU C 195 23.31 -25.71 17.32
CA LEU C 195 22.43 -24.61 17.71
C LEU C 195 23.19 -23.36 18.12
N ARG C 196 24.25 -23.52 18.93
CA ARG C 196 24.89 -22.37 19.56
C ARG C 196 26.17 -21.95 18.85
N CYS C 197 26.51 -20.67 18.98
CA CYS C 197 27.78 -20.16 18.42
C CYS C 197 28.45 -19.28 19.47
#